data_6BU3
#
_entry.id   6BU3
#
_cell.length_a   44.960
_cell.length_b   107.240
_cell.length_c   47.790
_cell.angle_alpha   90.000
_cell.angle_beta   101.860
_cell.angle_gamma   90.000
#
_symmetry.space_group_name_H-M   'P 1 21 1'
#
loop_
_entity.id
_entity.type
_entity.pdbx_description
1 polymer Beta-lactamase
2 non-polymer N-[3-(2H-tetrazol-5-yl)phenyl]-6-(trifluoromethyl)-1H-benzimidazole-4-carboxamide
3 non-polymer 'SULFATE ION'
4 water water
#
_entity_poly.entity_id   1
_entity_poly.type   'polypeptide(L)'
_entity_poly.pdbx_seq_one_letter_code
;TSAVQQKLAALEKSSGGRLGVALIDTADNTQVLYRGDERFPMCSTSKVMAAAAVLKQSETQKQLLNQPVEIKHADLVNYN
PIAEKHVNGTMTLAELSAAALQYSDNTAMNKLIAQLGGPGGVTAFARAIGDETFRLDRTEPTLNTAIPGDPRDTTTPRAM
AQTLRQLTLGHALGETQRAQLVTWLKGNTTGAASIRAGLPTSWTVGDKTGSGGYGTTNDIAVIWPQGRAPLVLVTYFTQP
QQNAESRRDVLASAARIIAEGL
;
_entity_poly.pdbx_strand_id   A,B
#
loop_
_chem_comp.id
_chem_comp.type
_chem_comp.name
_chem_comp.formula
3GK non-polymer N-[3-(2H-tetrazol-5-yl)phenyl]-6-(trifluoromethyl)-1H-benzimidazole-4-carboxamide 'C16 H10 F3 N7 O'
SO4 non-polymer 'SULFATE ION' 'O4 S -2'
#
# COMPACT_ATOMS: atom_id res chain seq x y z
N THR A 1 13.45 23.64 23.54
CA THR A 1 12.90 22.49 22.85
C THR A 1 14.06 21.97 22.06
N SER A 2 13.89 20.89 21.33
CA SER A 2 14.94 20.35 20.54
C SER A 2 14.78 20.87 19.10
N ALA A 3 15.83 20.75 18.29
CA ALA A 3 15.83 21.21 16.84
C ALA A 3 14.65 20.63 16.04
N VAL A 4 14.50 19.38 16.26
CA VAL A 4 13.43 18.66 15.70
C VAL A 4 12.09 19.25 16.17
N GLN A 5 11.97 19.60 17.42
CA GLN A 5 10.71 20.17 17.88
C GLN A 5 10.40 21.50 17.21
N GLN A 6 11.44 22.31 16.94
CA GLN A 6 11.22 23.54 16.18
C GLN A 6 10.69 23.24 14.79
N LYS A 7 11.29 22.24 14.12
CA LYS A 7 10.86 21.91 12.77
C LYS A 7 9.43 21.37 12.76
N LEU A 8 9.07 20.57 13.75
CA LEU A 8 7.71 20.06 13.82
C LEU A 8 6.70 21.17 14.08
N ALA A 9 7.04 22.11 14.97
CA ALA A 9 6.15 23.24 15.21
C ALA A 9 5.96 24.08 13.96
N ALA A 10 7.04 24.28 13.18
CA ALA A 10 6.93 25.07 11.96
C ALA A 10 6.10 24.34 10.91
N LEU A 11 6.29 23.03 10.78
CA LEU A 11 5.44 22.25 9.89
C LEU A 11 3.98 22.35 10.30
N GLU A 12 3.71 22.25 11.61
CA GLU A 12 2.34 22.40 12.09
C GLU A 12 1.76 23.76 11.72
N LYS A 13 2.52 24.84 11.96
CA LYS A 13 1.98 26.17 11.65
C LYS A 13 1.70 26.29 10.15
N SER A 14 2.62 25.79 9.32
CA SER A 14 2.39 25.81 7.88
C SER A 14 1.12 25.05 7.49
N SER A 15 0.87 23.92 8.18
CA SER A 15 -0.25 23.05 7.84
C SER A 15 -1.59 23.62 8.24
N GLY A 16 -1.62 24.56 9.19
CA GLY A 16 -2.86 25.11 9.70
C GLY A 16 -3.58 24.27 10.73
N GLY A 17 -3.07 23.08 11.05
CA GLY A 17 -3.79 22.18 11.94
C GLY A 17 -3.08 21.90 13.25
N ARG A 18 -3.32 20.71 13.80
CA ARG A 18 -2.77 20.30 15.08
C ARG A 18 -2.11 18.95 14.87
N LEU A 19 -0.80 18.88 15.12
CA LEU A 19 0.02 17.72 14.83
C LEU A 19 0.50 17.08 16.13
N GLY A 20 0.41 15.75 16.19
CA GLY A 20 0.94 15.00 17.32
C GLY A 20 1.90 13.93 16.86
N VAL A 21 3.07 13.86 17.47
CA VAL A 21 4.11 12.94 17.07
C VAL A 21 4.68 12.27 18.31
N ALA A 22 4.92 10.95 18.21
CA ALA A 22 5.69 10.25 19.24
C ALA A 22 6.55 9.22 18.55
N LEU A 23 7.85 9.33 18.74
CA LEU A 23 8.83 8.37 18.27
C LEU A 23 9.42 7.64 19.48
N ILE A 24 9.57 6.32 19.36
CA ILE A 24 10.44 5.56 20.25
C ILE A 24 11.53 4.95 19.37
N ASP A 25 12.77 5.26 19.68
CA ASP A 25 13.91 4.62 19.03
C ASP A 25 14.35 3.47 19.93
N THR A 26 14.09 2.23 19.50
CA THR A 26 14.43 1.11 20.38
C THR A 26 15.93 0.83 20.44
N ALA A 27 16.75 1.52 19.65
CA ALA A 27 18.20 1.36 19.76
C ALA A 27 18.69 1.83 21.13
N ASP A 28 18.10 2.91 21.65
CA ASP A 28 18.56 3.51 22.89
C ASP A 28 17.40 3.98 23.78
N ASN A 29 16.16 3.66 23.42
CA ASN A 29 14.96 4.06 24.16
C ASN A 29 14.75 5.57 24.19
N THR A 30 15.39 6.31 23.29
CA THR A 30 15.13 7.74 23.22
C THR A 30 13.79 8.00 22.54
N GLN A 31 13.25 9.20 22.78
CA GLN A 31 11.94 9.56 22.29
C GLN A 31 11.99 10.96 21.70
N VAL A 32 11.12 11.20 20.72
CA VAL A 32 10.79 12.53 20.27
C VAL A 32 9.29 12.68 20.40
N LEU A 33 8.86 13.73 21.09
CA LEU A 33 7.44 13.96 21.34
C LEU A 33 7.07 15.37 20.91
N TYR A 34 5.96 15.48 20.19
CA TYR A 34 5.36 16.77 19.86
C TYR A 34 3.87 16.67 20.13
N ARG A 35 3.36 17.47 21.07
CA ARG A 35 2.00 17.30 21.57
C ARG A 35 1.75 15.84 21.96
N GLY A 36 2.78 15.22 22.55
CA GLY A 36 2.75 13.79 22.81
C GLY A 36 1.73 13.35 23.85
N ASP A 37 1.26 14.29 24.68
CA ASP A 37 0.29 13.97 25.72
C ASP A 37 -1.09 14.55 25.45
N GLU A 38 -1.31 15.13 24.29
CA GLU A 38 -2.64 15.58 23.90
C GLU A 38 -3.41 14.44 23.27
N ARG A 39 -4.72 14.44 23.49
CA ARG A 39 -5.58 13.45 22.86
C ARG A 39 -5.87 13.83 21.41
N PHE A 40 -5.89 12.82 20.54
CA PHE A 40 -6.23 12.94 19.14
C PHE A 40 -7.21 11.82 18.79
N PRO A 41 -8.13 12.07 17.86
CA PRO A 41 -9.00 10.99 17.36
C PRO A 41 -8.18 9.95 16.61
N MET A 42 -8.29 8.68 17.02
CA MET A 42 -7.47 7.61 16.43
C MET A 42 -7.91 7.27 15.02
N CYS A 43 -9.21 7.39 14.74
CA CYS A 43 -9.79 6.85 13.52
C CYS A 43 -9.32 5.41 13.32
N SER A 44 -9.01 5.02 12.08
CA SER A 44 -8.74 3.60 11.81
C SER A 44 -7.42 3.10 12.40
N THR A 45 -6.59 3.97 12.98
CA THR A 45 -5.44 3.42 13.71
C THR A 45 -5.90 2.56 14.89
N SER A 46 -7.13 2.75 15.36
CA SER A 46 -7.69 1.91 16.42
C SER A 46 -7.89 0.46 15.99
N LYS A 47 -7.89 0.18 14.69
CA LYS A 47 -8.05 -1.19 14.21
C LYS A 47 -6.91 -2.08 14.68
N VAL A 48 -5.73 -1.49 14.95
CA VAL A 48 -4.61 -2.28 15.49
C VAL A 48 -4.98 -2.86 16.84
N MET A 49 -5.56 -2.02 17.70
N MET A 49 -5.56 -2.02 17.70
CA MET A 49 -5.93 -2.51 19.06
CA MET A 49 -5.93 -2.51 19.06
C MET A 49 -7.00 -3.60 18.97
C MET A 49 -7.00 -3.60 18.97
N ALA A 50 -7.99 -3.45 18.10
CA ALA A 50 -9.04 -4.47 17.99
C ALA A 50 -8.49 -5.78 17.45
N ALA A 51 -7.65 -5.73 16.41
CA ALA A 51 -7.06 -6.96 15.89
C ALA A 51 -6.17 -7.61 16.95
N ALA A 52 -5.38 -6.81 17.67
CA ALA A 52 -4.51 -7.37 18.69
C ALA A 52 -5.32 -8.02 19.81
N ALA A 53 -6.47 -7.45 20.15
CA ALA A 53 -7.31 -8.02 21.21
C ALA A 53 -7.84 -9.39 20.81
N VAL A 54 -8.21 -9.54 19.53
CA VAL A 54 -8.64 -10.85 19.04
C VAL A 54 -7.47 -11.83 19.00
N LEU A 55 -6.29 -11.38 18.59
CA LEU A 55 -5.10 -12.24 18.67
C LEU A 55 -4.87 -12.72 20.10
N LYS A 56 -5.00 -11.83 21.08
CA LYS A 56 -4.83 -12.26 22.48
C LYS A 56 -5.86 -13.32 22.85
N GLN A 57 -7.13 -13.12 22.44
CA GLN A 57 -8.14 -14.14 22.71
C GLN A 57 -7.75 -15.49 22.12
N SER A 58 -7.18 -15.49 20.92
CA SER A 58 -6.81 -16.73 20.24
C SER A 58 -5.65 -17.46 20.92
N GLU A 59 -4.96 -16.83 21.88
CA GLU A 59 -3.95 -17.55 22.64
C GLU A 59 -4.57 -18.63 23.52
N THR A 60 -5.83 -18.47 23.92
CA THR A 60 -6.51 -19.46 24.73
C THR A 60 -7.68 -20.14 24.04
N GLN A 61 -8.39 -19.45 23.15
CA GLN A 61 -9.38 -20.08 22.28
C GLN A 61 -8.64 -20.42 20.99
N LYS A 62 -8.06 -21.62 20.95
CA LYS A 62 -6.98 -21.91 20.00
C LYS A 62 -7.45 -21.94 18.55
N GLN A 63 -8.72 -22.23 18.29
CA GLN A 63 -9.23 -22.24 16.91
C GLN A 63 -9.98 -20.96 16.55
N LEU A 64 -9.90 -19.93 17.39
CA LEU A 64 -10.77 -18.76 17.23
C LEU A 64 -10.56 -18.07 15.88
N LEU A 65 -9.31 -17.98 15.41
CA LEU A 65 -9.08 -17.24 14.18
C LEU A 65 -9.70 -17.91 12.96
N ASN A 66 -9.99 -19.21 13.02
CA ASN A 66 -10.61 -19.92 11.92
C ASN A 66 -12.13 -19.96 12.02
N GLN A 67 -12.71 -19.34 13.04
CA GLN A 67 -14.15 -19.39 13.25
C GLN A 67 -14.86 -18.58 12.16
N PRO A 68 -15.83 -19.16 11.45
CA PRO A 68 -16.59 -18.37 10.47
C PRO A 68 -17.53 -17.40 11.15
N VAL A 69 -17.66 -16.22 10.56
CA VAL A 69 -18.52 -15.15 11.04
C VAL A 69 -19.43 -14.73 9.89
N GLU A 70 -20.73 -14.66 10.15
N GLU A 70 -20.74 -14.68 10.16
CA GLU A 70 -21.69 -14.32 9.11
CA GLU A 70 -21.69 -14.28 9.14
C GLU A 70 -21.59 -12.84 8.74
C GLU A 70 -21.47 -12.83 8.74
N ILE A 71 -21.55 -12.56 7.44
CA ILE A 71 -21.61 -11.20 6.91
C ILE A 71 -23.01 -11.03 6.31
N LYS A 72 -23.85 -10.24 6.98
CA LYS A 72 -25.19 -9.95 6.49
C LYS A 72 -25.19 -8.60 5.78
N HIS A 73 -26.16 -8.41 4.89
CA HIS A 73 -26.24 -7.14 4.18
C HIS A 73 -26.36 -5.97 5.16
N ALA A 74 -27.11 -6.15 6.24
CA ALA A 74 -27.28 -5.08 7.22
C ALA A 74 -25.98 -4.72 7.93
N ASP A 75 -24.98 -5.61 7.90
CA ASP A 75 -23.69 -5.32 8.51
C ASP A 75 -22.86 -4.34 7.71
N LEU A 76 -23.12 -4.20 6.41
CA LEU A 76 -22.27 -3.37 5.57
C LEU A 76 -22.42 -1.91 5.97
N VAL A 77 -21.30 -1.23 6.18
CA VAL A 77 -21.31 0.19 6.53
C VAL A 77 -20.78 1.02 5.36
N ASN A 78 -19.86 1.96 5.61
CA ASN A 78 -19.51 2.96 4.61
C ASN A 78 -18.24 2.66 3.82
N TYR A 79 -17.50 1.60 4.16
CA TYR A 79 -16.28 1.28 3.42
C TYR A 79 -15.97 -0.19 3.69
N ASN A 80 -16.32 -1.04 2.73
CA ASN A 80 -16.35 -2.48 2.95
C ASN A 80 -15.72 -3.20 1.77
N PRO A 81 -14.50 -2.85 1.38
CA PRO A 81 -13.94 -3.41 0.13
C PRO A 81 -13.80 -4.92 0.14
N ILE A 82 -13.59 -5.53 1.31
CA ILE A 82 -13.48 -6.98 1.40
C ILE A 82 -14.80 -7.62 1.81
N ALA A 83 -15.42 -7.08 2.86
CA ALA A 83 -16.63 -7.70 3.40
C ALA A 83 -17.76 -7.73 2.38
N GLU A 84 -17.86 -6.73 1.50
CA GLU A 84 -18.97 -6.71 0.55
C GLU A 84 -18.93 -7.90 -0.39
N LYS A 85 -17.75 -8.47 -0.63
CA LYS A 85 -17.65 -9.65 -1.47
C LYS A 85 -18.18 -10.91 -0.79
N HIS A 86 -18.39 -10.86 0.53
CA HIS A 86 -18.79 -12.03 1.30
C HIS A 86 -20.15 -11.87 1.96
N VAL A 87 -20.91 -10.86 1.54
CA VAL A 87 -22.26 -10.72 2.05
C VAL A 87 -23.06 -11.98 1.71
N ASN A 88 -23.97 -12.36 2.61
CA ASN A 88 -24.69 -13.63 2.50
C ASN A 88 -23.73 -14.82 2.49
N GLY A 89 -22.58 -14.63 3.13
CA GLY A 89 -21.59 -15.67 3.31
C GLY A 89 -20.88 -15.44 4.63
N THR A 90 -19.65 -15.93 4.75
CA THR A 90 -18.90 -15.82 5.98
C THR A 90 -17.48 -15.39 5.67
N MET A 91 -16.82 -14.87 6.72
CA MET A 91 -15.38 -14.68 6.75
C MET A 91 -14.90 -15.14 8.12
N THR A 92 -13.66 -15.63 8.19
CA THR A 92 -13.11 -16.01 9.49
C THR A 92 -12.58 -14.78 10.22
N LEU A 93 -12.36 -14.93 11.53
CA LEU A 93 -11.79 -13.82 12.29
C LEU A 93 -10.39 -13.45 11.80
N ALA A 94 -9.60 -14.42 11.34
CA ALA A 94 -8.32 -14.09 10.71
C ALA A 94 -8.54 -13.23 9.47
N GLU A 95 -9.50 -13.62 8.62
CA GLU A 95 -9.75 -12.87 7.40
C GLU A 95 -10.30 -11.49 7.71
N LEU A 96 -11.13 -11.38 8.75
CA LEU A 96 -11.63 -10.07 9.17
C LEU A 96 -10.51 -9.20 9.72
N SER A 97 -9.59 -9.79 10.48
CA SER A 97 -8.45 -9.03 10.99
C SER A 97 -7.58 -8.50 9.86
N ALA A 98 -7.28 -9.37 8.88
CA ALA A 98 -6.49 -8.96 7.74
C ALA A 98 -7.18 -7.87 6.93
N ALA A 99 -8.49 -8.00 6.72
CA ALA A 99 -9.21 -6.99 5.96
C ALA A 99 -9.23 -5.65 6.70
N ALA A 100 -9.46 -5.68 8.01
CA ALA A 100 -9.46 -4.44 8.79
C ALA A 100 -8.09 -3.77 8.74
N LEU A 101 -7.03 -4.55 8.91
CA LEU A 101 -5.70 -3.96 9.00
C LEU A 101 -5.15 -3.55 7.64
N GLN A 102 -5.26 -4.42 6.64
CA GLN A 102 -4.55 -4.20 5.38
C GLN A 102 -5.35 -3.44 4.35
N TYR A 103 -6.69 -3.48 4.46
CA TYR A 103 -7.58 -2.77 3.53
C TYR A 103 -8.40 -1.68 4.29
N SER A 104 -8.27 -1.63 5.63
CA SER A 104 -8.99 -0.63 6.41
C SER A 104 -10.56 -0.80 6.23
N ASP A 105 -11.00 -2.04 6.15
CA ASP A 105 -12.41 -2.36 5.97
C ASP A 105 -13.17 -2.11 7.29
N ASN A 106 -14.17 -1.23 7.22
CA ASN A 106 -14.94 -0.84 8.41
C ASN A 106 -15.93 -1.91 8.86
N THR A 107 -16.49 -2.70 7.93
CA THR A 107 -17.34 -3.80 8.36
C THR A 107 -16.51 -4.85 9.11
N ALA A 108 -15.31 -5.12 8.60
CA ALA A 108 -14.42 -6.07 9.29
C ALA A 108 -14.10 -5.59 10.69
N MET A 109 -13.80 -4.30 10.84
CA MET A 109 -13.55 -3.74 12.17
C MET A 109 -14.75 -3.95 13.08
N ASN A 110 -15.96 -3.73 12.58
CA ASN A 110 -17.13 -3.92 13.42
C ASN A 110 -17.28 -5.36 13.88
N LYS A 111 -16.89 -6.34 13.05
CA LYS A 111 -16.93 -7.72 13.50
C LYS A 111 -15.90 -8.00 14.59
N LEU A 112 -14.72 -7.37 14.51
CA LEU A 112 -13.74 -7.52 15.58
C LEU A 112 -14.29 -6.93 16.87
N ILE A 113 -14.87 -5.73 16.79
CA ILE A 113 -15.45 -5.09 17.97
C ILE A 113 -16.52 -5.98 18.58
N ALA A 114 -17.40 -6.54 17.73
CA ALA A 114 -18.46 -7.40 18.26
C ALA A 114 -17.90 -8.65 18.93
N GLN A 115 -16.85 -9.24 18.33
CA GLN A 115 -16.21 -10.41 18.94
C GLN A 115 -15.71 -10.10 20.34
N LEU A 116 -15.29 -8.86 20.57
CA LEU A 116 -14.78 -8.42 21.86
C LEU A 116 -15.86 -7.93 22.80
N GLY A 117 -17.12 -7.96 22.39
CA GLY A 117 -18.22 -7.56 23.24
C GLY A 117 -18.58 -6.09 23.16
N GLY A 118 -18.08 -5.38 22.16
CA GLY A 118 -18.36 -3.97 22.02
C GLY A 118 -17.11 -3.14 22.20
N PRO A 119 -17.20 -1.84 21.94
CA PRO A 119 -16.01 -0.98 22.06
C PRO A 119 -15.33 -1.09 23.41
N GLY A 120 -16.09 -1.28 24.48
CA GLY A 120 -15.49 -1.41 25.80
C GLY A 120 -14.59 -2.62 25.94
N GLY A 121 -14.83 -3.66 25.15
CA GLY A 121 -13.95 -4.82 25.15
C GLY A 121 -12.59 -4.52 24.55
N VAL A 122 -12.55 -3.61 23.58
CA VAL A 122 -11.27 -3.17 23.03
C VAL A 122 -10.53 -2.36 24.07
N THR A 123 -11.23 -1.44 24.73
CA THR A 123 -10.61 -0.68 25.82
C THR A 123 -10.11 -1.60 26.93
N ALA A 124 -10.88 -2.63 27.28
CA ALA A 124 -10.45 -3.53 28.34
C ALA A 124 -9.16 -4.23 27.97
N PHE A 125 -9.00 -4.60 26.70
CA PHE A 125 -7.74 -5.20 26.28
C PHE A 125 -6.59 -4.20 26.41
N ALA A 126 -6.82 -2.95 26.00
CA ALA A 126 -5.80 -1.92 26.17
C ALA A 126 -5.35 -1.83 27.64
N ARG A 127 -6.31 -1.81 28.56
CA ARG A 127 -5.96 -1.77 29.98
C ARG A 127 -5.18 -3.01 30.38
N ALA A 128 -5.55 -4.18 29.86
CA ALA A 128 -4.87 -5.42 30.22
C ALA A 128 -3.42 -5.44 29.76
N ILE A 129 -3.05 -4.68 28.74
CA ILE A 129 -1.67 -4.60 28.28
C ILE A 129 -0.97 -3.34 28.79
N GLY A 130 -1.58 -2.62 29.72
CA GLY A 130 -0.90 -1.51 30.37
C GLY A 130 -1.16 -0.14 29.78
N ASP A 131 -2.06 -0.02 28.81
CA ASP A 131 -2.40 1.26 28.21
C ASP A 131 -3.60 1.81 28.97
N GLU A 132 -3.38 2.85 29.77
N GLU A 132 -3.38 2.83 29.78
CA GLU A 132 -4.41 3.47 30.58
CA GLU A 132 -4.43 3.46 30.58
C GLU A 132 -5.00 4.71 29.92
C GLU A 132 -5.09 4.63 29.88
N THR A 133 -4.65 4.96 28.67
CA THR A 133 -5.06 6.17 27.96
C THR A 133 -6.04 5.90 26.82
N PHE A 134 -5.77 4.87 26.01
CA PHE A 134 -6.64 4.49 24.90
C PHE A 134 -8.08 4.35 25.36
N ARG A 135 -9.01 4.83 24.53
CA ARG A 135 -10.41 4.50 24.74
C ARG A 135 -11.12 4.35 23.40
N LEU A 136 -11.87 3.26 23.25
CA LEU A 136 -12.77 3.08 22.13
C LEU A 136 -14.19 3.13 22.67
N ASP A 137 -15.00 3.98 22.08
CA ASP A 137 -16.33 4.27 22.57
C ASP A 137 -17.42 3.94 21.58
N ARG A 138 -17.12 3.97 20.28
CA ARG A 138 -18.12 3.81 19.23
C ARG A 138 -17.67 2.76 18.24
N THR A 139 -18.61 2.32 17.41
CA THR A 139 -18.35 1.41 16.31
C THR A 139 -18.05 2.22 15.05
N GLU A 140 -17.77 1.51 13.96
CA GLU A 140 -17.67 2.16 12.66
C GLU A 140 -19.06 2.44 12.11
N PRO A 141 -19.27 3.58 11.44
CA PRO A 141 -18.25 4.57 11.08
C PRO A 141 -18.13 5.76 12.05
N THR A 142 -18.99 5.84 13.07
CA THR A 142 -19.04 7.08 13.86
C THR A 142 -17.81 7.29 14.72
N LEU A 143 -16.98 6.27 14.96
CA LEU A 143 -15.78 6.52 15.74
C LEU A 143 -14.81 7.47 15.04
N ASN A 144 -15.06 7.83 13.77
CA ASN A 144 -14.20 8.72 13.01
C ASN A 144 -14.68 10.18 12.96
N THR A 145 -15.67 10.58 13.77
CA THR A 145 -16.20 11.94 13.63
C THR A 145 -15.14 12.99 13.94
N ALA A 146 -14.26 12.72 14.90
CA ALA A 146 -13.07 13.52 15.16
C ALA A 146 -13.42 14.96 15.55
N ILE A 147 -14.42 15.13 16.40
CA ILE A 147 -14.88 16.46 16.80
C ILE A 147 -13.88 17.05 17.80
N PRO A 148 -13.44 18.29 17.61
CA PRO A 148 -12.47 18.87 18.55
C PRO A 148 -13.03 18.88 19.97
N GLY A 149 -12.18 18.48 20.91
CA GLY A 149 -12.56 18.44 22.31
C GLY A 149 -13.29 17.19 22.76
N ASP A 150 -13.70 16.34 21.83
CA ASP A 150 -14.44 15.12 22.16
C ASP A 150 -13.43 14.04 22.57
N PRO A 151 -13.50 13.52 23.80
CA PRO A 151 -12.54 12.48 24.20
C PRO A 151 -12.84 11.10 23.65
N ARG A 152 -14.00 10.88 23.04
CA ARG A 152 -14.34 9.55 22.57
C ARG A 152 -13.37 9.09 21.47
N ASP A 153 -12.97 7.83 21.54
CA ASP A 153 -12.20 7.22 20.45
C ASP A 153 -10.87 7.95 20.23
N THR A 154 -10.24 8.35 21.34
CA THR A 154 -8.97 9.06 21.30
C THR A 154 -7.90 8.31 22.08
N THR A 155 -6.66 8.70 21.80
CA THR A 155 -5.52 8.36 22.62
C THR A 155 -4.49 9.47 22.46
N THR A 156 -3.35 9.34 23.19
CA THR A 156 -2.27 10.29 22.98
C THR A 156 -1.19 9.66 22.12
N PRO A 157 -0.39 10.46 21.42
CA PRO A 157 0.72 9.86 20.66
C PRO A 157 1.66 9.05 21.54
N ARG A 158 2.01 9.56 22.72
CA ARG A 158 2.91 8.84 23.62
C ARG A 158 2.33 7.46 23.98
N ALA A 159 1.05 7.41 24.35
CA ALA A 159 0.46 6.14 24.73
C ALA A 159 0.41 5.17 23.56
N MET A 160 0.05 5.66 22.41
CA MET A 160 -0.09 4.78 21.20
C MET A 160 1.31 4.21 20.80
N ALA A 161 2.31 5.05 20.83
CA ALA A 161 3.63 4.54 20.46
C ALA A 161 4.09 3.47 21.44
N GLN A 162 3.88 3.70 22.74
CA GLN A 162 4.25 2.70 23.74
C GLN A 162 3.49 1.41 23.52
N THR A 163 2.19 1.50 23.27
CA THR A 163 1.39 0.30 23.04
C THR A 163 1.81 -0.40 21.76
N LEU A 164 2.04 0.34 20.67
CA LEU A 164 2.45 -0.30 19.44
C LEU A 164 3.77 -1.02 19.62
N ARG A 165 4.69 -0.42 20.39
CA ARG A 165 5.94 -1.11 20.72
C ARG A 165 5.66 -2.42 21.47
N GLN A 166 4.83 -2.35 22.52
CA GLN A 166 4.55 -3.55 23.31
C GLN A 166 3.94 -4.65 22.46
N LEU A 167 3.06 -4.29 21.52
CA LEU A 167 2.36 -5.26 20.71
C LEU A 167 3.25 -5.89 19.63
N THR A 168 4.12 -5.10 19.00
CA THR A 168 4.87 -5.57 17.85
C THR A 168 6.31 -5.97 18.15
N LEU A 169 6.89 -5.44 19.22
CA LEU A 169 8.27 -5.70 19.59
C LEU A 169 8.44 -6.22 21.00
N GLY A 170 7.45 -6.07 21.86
CA GLY A 170 7.47 -6.53 23.22
C GLY A 170 6.67 -7.80 23.41
N HIS A 171 6.07 -7.94 24.59
CA HIS A 171 5.48 -9.21 24.99
C HIS A 171 4.04 -9.06 25.46
N ALA A 172 3.35 -8.04 24.93
CA ALA A 172 1.91 -7.94 25.19
C ALA A 172 1.15 -9.11 24.60
N LEU A 173 1.64 -9.66 23.48
CA LEU A 173 1.06 -10.82 22.82
C LEU A 173 2.05 -11.99 22.90
N GLY A 174 1.52 -13.19 22.72
CA GLY A 174 2.36 -14.36 22.56
C GLY A 174 3.17 -14.30 21.28
N GLU A 175 4.21 -15.12 21.21
CA GLU A 175 5.19 -15.03 20.12
C GLU A 175 4.54 -15.14 18.74
N THR A 176 3.71 -16.17 18.54
CA THR A 176 3.10 -16.37 17.22
C THR A 176 2.15 -15.23 16.89
N GLN A 177 1.45 -14.72 17.89
CA GLN A 177 0.48 -13.65 17.69
C GLN A 177 1.18 -12.33 17.36
N ARG A 178 2.26 -12.02 18.06
CA ARG A 178 3.06 -10.85 17.73
C ARG A 178 3.56 -10.92 16.29
N ALA A 179 4.08 -12.08 15.89
CA ALA A 179 4.55 -12.25 14.52
C ALA A 179 3.42 -12.08 13.51
N GLN A 180 2.23 -12.58 13.83
CA GLN A 180 1.09 -12.41 12.93
C GLN A 180 0.70 -10.95 12.78
N LEU A 181 0.68 -10.20 13.90
CA LEU A 181 0.37 -8.78 13.81
C LEU A 181 1.39 -8.04 12.95
N VAL A 182 2.67 -8.36 13.14
CA VAL A 182 3.73 -7.75 12.34
C VAL A 182 3.55 -8.09 10.87
N THR A 183 3.28 -9.35 10.56
CA THR A 183 3.03 -9.75 9.17
C THR A 183 1.88 -8.94 8.57
N TRP A 184 0.80 -8.77 9.32
CA TRP A 184 -0.33 -8.01 8.79
C TRP A 184 0.05 -6.56 8.52
N LEU A 185 0.73 -5.92 9.47
CA LEU A 185 1.09 -4.51 9.32
C LEU A 185 2.04 -4.33 8.13
N LYS A 186 2.99 -5.25 7.96
CA LYS A 186 3.94 -5.14 6.85
C LYS A 186 3.25 -5.28 5.50
N GLY A 187 2.12 -5.97 5.45
CA GLY A 187 1.36 -6.14 4.23
C GLY A 187 0.28 -5.10 3.99
N ASN A 188 0.26 -4.03 4.77
CA ASN A 188 -0.73 -2.98 4.57
C ASN A 188 -0.70 -2.45 3.15
N THR A 189 -1.89 -2.19 2.58
CA THR A 189 -1.98 -1.62 1.25
C THR A 189 -2.10 -0.11 1.22
N THR A 190 -2.39 0.55 2.35
CA THR A 190 -2.84 1.94 2.33
C THR A 190 -1.77 2.95 2.71
N GLY A 191 -0.53 2.54 2.94
CA GLY A 191 0.42 3.39 3.66
C GLY A 191 1.45 4.16 2.88
N ALA A 192 1.54 4.00 1.55
CA ALA A 192 2.70 4.50 0.81
C ALA A 192 2.80 6.02 0.80
N ALA A 193 1.72 6.74 1.04
CA ALA A 193 1.74 8.21 1.03
C ALA A 193 1.93 8.83 2.40
N SER A 194 2.01 8.03 3.46
CA SER A 194 1.97 8.54 4.83
C SER A 194 3.37 8.48 5.44
N ILE A 195 3.56 7.88 6.62
CA ILE A 195 4.88 7.85 7.24
C ILE A 195 5.94 7.33 6.26
N ARG A 196 5.62 6.26 5.54
CA ARG A 196 6.58 5.63 4.63
C ARG A 196 7.14 6.62 3.61
N ALA A 197 6.33 7.58 3.18
CA ALA A 197 6.78 8.51 2.14
C ALA A 197 7.85 9.47 2.64
N GLY A 198 8.01 9.61 3.95
CA GLY A 198 9.04 10.46 4.50
C GLY A 198 10.31 9.75 4.92
N LEU A 199 10.42 8.45 4.68
CA LEU A 199 11.53 7.63 5.14
C LEU A 199 12.31 7.08 3.96
N PRO A 200 13.58 6.75 4.14
CA PRO A 200 14.34 6.10 3.05
C PRO A 200 13.65 4.83 2.57
N THR A 201 13.68 4.61 1.26
CA THR A 201 12.93 3.49 0.71
C THR A 201 13.53 2.14 1.09
N SER A 202 14.79 2.12 1.53
CA SER A 202 15.41 0.86 1.92
C SER A 202 14.89 0.34 3.25
N TRP A 203 14.21 1.18 4.04
CA TRP A 203 13.71 0.76 5.33
C TRP A 203 12.44 -0.06 5.16
N THR A 204 12.19 -0.95 6.11
CA THR A 204 10.98 -1.76 6.10
C THR A 204 9.97 -1.15 7.06
N VAL A 205 8.73 -1.00 6.61
CA VAL A 205 7.68 -0.35 7.38
C VAL A 205 6.47 -1.26 7.45
N GLY A 206 5.90 -1.38 8.64
CA GLY A 206 4.55 -1.88 8.80
C GLY A 206 3.71 -0.78 9.42
N ASP A 207 2.52 -0.49 8.89
CA ASP A 207 1.78 0.66 9.40
C ASP A 207 0.28 0.43 9.31
N LYS A 208 -0.45 1.29 10.02
CA LYS A 208 -1.90 1.37 9.91
C LYS A 208 -2.30 2.83 9.82
N THR A 209 -2.98 3.20 8.73
CA THR A 209 -3.45 4.56 8.50
C THR A 209 -4.82 4.77 9.14
N GLY A 210 -5.23 6.04 9.22
CA GLY A 210 -6.59 6.40 9.57
C GLY A 210 -6.92 7.79 9.07
N SER A 211 -8.21 8.06 8.90
CA SER A 211 -8.68 9.39 8.53
C SER A 211 -10.13 9.56 8.96
N GLY A 212 -10.57 10.80 9.07
CA GLY A 212 -11.92 11.05 9.55
C GLY A 212 -12.33 12.50 9.36
N GLY A 213 -13.32 12.89 10.16
CA GLY A 213 -13.79 14.27 10.13
C GLY A 213 -12.69 15.23 10.49
N TYR A 214 -12.94 16.52 10.22
CA TYR A 214 -11.99 17.58 10.52
C TYR A 214 -10.64 17.33 9.84
N GLY A 215 -10.68 16.71 8.67
CA GLY A 215 -9.46 16.47 7.92
C GLY A 215 -8.46 15.63 8.66
N THR A 216 -8.92 14.81 9.60
CA THR A 216 -8.02 14.03 10.42
C THR A 216 -7.29 13.02 9.56
N THR A 217 -5.96 12.97 9.70
CA THR A 217 -5.10 12.15 8.86
C THR A 217 -4.05 11.57 9.79
N ASN A 218 -4.01 10.23 9.90
CA ASN A 218 -3.20 9.56 10.92
C ASN A 218 -2.42 8.39 10.31
N ASP A 219 -1.34 8.01 11.00
CA ASP A 219 -0.59 6.81 10.65
C ASP A 219 0.21 6.40 11.87
N ILE A 220 0.27 5.09 12.13
CA ILE A 220 1.13 4.55 13.18
C ILE A 220 1.95 3.43 12.57
N ALA A 221 3.23 3.38 12.90
CA ALA A 221 4.14 2.51 12.15
C ALA A 221 5.20 1.92 13.06
N VAL A 222 5.59 0.69 12.72
N VAL A 222 5.62 0.69 12.71
CA VAL A 222 6.84 0.10 13.19
CA VAL A 222 6.84 0.11 13.22
C VAL A 222 7.80 0.09 12.00
C VAL A 222 7.81 0.01 12.05
N ILE A 223 9.04 0.47 12.26
CA ILE A 223 10.00 0.76 11.20
C ILE A 223 11.29 0.03 11.51
N TRP A 224 11.80 -0.69 10.52
CA TRP A 224 13.12 -1.32 10.64
C TRP A 224 14.07 -0.57 9.72
N PRO A 225 14.84 0.41 10.23
CA PRO A 225 15.78 1.12 9.37
C PRO A 225 16.92 0.19 9.01
N GLN A 226 17.54 0.47 7.86
CA GLN A 226 18.62 -0.37 7.39
C GLN A 226 19.75 -0.42 8.41
N GLY A 227 20.02 -1.60 8.94
CA GLY A 227 21.14 -1.83 9.82
C GLY A 227 20.94 -1.41 11.27
N ARG A 228 19.76 -0.93 11.66
CA ARG A 228 19.54 -0.38 12.99
C ARG A 228 18.34 -1.04 13.65
N ALA A 229 18.26 -0.85 14.96
CA ALA A 229 17.14 -1.37 15.74
C ALA A 229 15.85 -0.65 15.34
N PRO A 230 14.70 -1.29 15.53
CA PRO A 230 13.46 -0.69 15.03
C PRO A 230 13.04 0.58 15.76
N LEU A 231 12.24 1.38 15.06
CA LEU A 231 11.58 2.55 15.59
C LEU A 231 10.08 2.29 15.62
N VAL A 232 9.40 2.98 16.52
CA VAL A 232 7.95 3.08 16.53
C VAL A 232 7.61 4.55 16.37
N LEU A 233 6.71 4.86 15.45
CA LEU A 233 6.38 6.25 15.14
C LEU A 233 4.88 6.41 14.98
N VAL A 234 4.33 7.37 15.73
N VAL A 234 4.31 7.36 15.71
CA VAL A 234 2.92 7.77 15.63
CA VAL A 234 2.90 7.71 15.55
C VAL A 234 2.89 9.19 15.08
C VAL A 234 2.83 9.17 15.11
N THR A 235 2.09 9.42 14.04
CA THR A 235 1.85 10.77 13.52
C THR A 235 0.36 10.96 13.39
N TYR A 236 -0.20 11.81 14.24
N TYR A 236 -0.19 11.86 14.20
CA TYR A 236 -1.60 12.19 14.21
CA TYR A 236 -1.60 12.17 14.22
C TYR A 236 -1.71 13.61 13.69
C TYR A 236 -1.79 13.63 13.80
N PHE A 237 -2.80 13.90 12.99
CA PHE A 237 -3.02 15.25 12.49
C PHE A 237 -4.51 15.52 12.34
N THR A 238 -4.95 16.70 12.78
CA THR A 238 -6.35 17.07 12.65
C THR A 238 -6.42 18.58 12.43
N GLN A 239 -7.55 19.03 11.89
CA GLN A 239 -7.66 20.37 11.32
C GLN A 239 -8.87 21.11 11.86
N PRO A 240 -8.92 22.45 11.68
CA PRO A 240 -10.01 23.22 12.29
C PRO A 240 -11.37 23.10 11.62
N GLN A 241 -11.40 22.86 10.31
CA GLN A 241 -12.67 22.85 9.57
C GLN A 241 -13.19 21.42 9.48
N GLN A 242 -14.49 21.25 9.73
N GLN A 242 -14.50 21.25 9.75
CA GLN A 242 -15.07 19.91 9.73
CA GLN A 242 -15.10 19.92 9.73
C GLN A 242 -14.91 19.22 8.39
C GLN A 242 -14.87 19.22 8.39
N ASN A 243 -15.02 19.97 7.31
CA ASN A 243 -14.90 19.43 5.96
C ASN A 243 -13.52 19.45 5.34
N ALA A 244 -12.50 19.64 6.17
CA ALA A 244 -11.15 19.73 5.65
C ALA A 244 -10.75 18.42 4.90
N GLU A 245 -9.88 18.58 3.92
CA GLU A 245 -9.34 17.48 3.15
C GLU A 245 -8.13 16.85 3.87
N SER A 246 -7.88 15.59 3.55
CA SER A 246 -6.80 14.86 4.18
C SER A 246 -5.47 15.48 3.79
N ARG A 247 -4.46 15.28 4.64
CA ARG A 247 -3.12 15.83 4.44
C ARG A 247 -2.08 14.77 4.79
N ARG A 248 -2.04 13.68 4.00
CA ARG A 248 -1.04 12.65 4.23
C ARG A 248 0.37 13.19 4.06
N ASP A 249 0.53 14.22 3.22
CA ASP A 249 1.84 14.86 3.05
C ASP A 249 2.39 15.43 4.35
N VAL A 250 1.51 15.87 5.26
CA VAL A 250 1.98 16.38 6.55
C VAL A 250 2.59 15.25 7.37
N LEU A 251 1.98 14.05 7.31
CA LEU A 251 2.55 12.92 8.02
C LEU A 251 3.90 12.52 7.43
N ALA A 252 3.99 12.51 6.10
CA ALA A 252 5.27 12.23 5.45
C ALA A 252 6.32 13.26 5.84
N SER A 253 5.93 14.55 5.87
CA SER A 253 6.86 15.60 6.24
C SER A 253 7.33 15.44 7.69
N ALA A 254 6.41 15.10 8.59
CA ALA A 254 6.79 14.85 9.97
C ALA A 254 7.75 13.67 10.08
N ALA A 255 7.47 12.58 9.36
CA ALA A 255 8.36 11.43 9.38
C ALA A 255 9.74 11.79 8.84
N ARG A 256 9.79 12.64 7.81
CA ARG A 256 11.07 13.04 7.24
C ARG A 256 11.88 13.86 8.23
N ILE A 257 11.22 14.79 8.94
CA ILE A 257 11.90 15.56 9.98
C ILE A 257 12.46 14.63 11.04
N ILE A 258 11.68 13.63 11.47
CA ILE A 258 12.15 12.68 12.46
C ILE A 258 13.36 11.91 11.95
N ALA A 259 13.29 11.43 10.70
CA ALA A 259 14.37 10.62 10.15
C ALA A 259 15.67 11.43 10.06
N GLU A 260 15.57 12.70 9.67
CA GLU A 260 16.76 13.52 9.57
C GLU A 260 17.35 13.89 10.92
N GLY A 261 16.54 13.82 11.99
CA GLY A 261 17.04 14.06 13.33
C GLY A 261 17.73 12.88 13.98
N LEU A 262 17.65 11.70 13.37
CA LEU A 262 18.31 10.52 13.90
C LEU A 262 19.83 10.62 13.73
N THR B 1 -7.67 17.18 -30.10
CA THR B 1 -7.28 17.36 -28.71
C THR B 1 -8.50 17.61 -27.82
N SER B 2 -8.76 16.69 -26.90
CA SER B 2 -9.90 16.79 -26.01
C SER B 2 -9.57 17.66 -24.79
N ALA B 3 -10.60 17.98 -24.02
CA ALA B 3 -10.40 18.77 -22.81
C ALA B 3 -9.52 18.02 -21.81
N VAL B 4 -9.72 16.70 -21.68
CA VAL B 4 -8.87 15.89 -20.82
C VAL B 4 -7.43 15.95 -21.30
N GLN B 5 -7.21 15.84 -22.62
CA GLN B 5 -5.85 15.88 -23.14
C GLN B 5 -5.20 17.25 -22.91
N GLN B 6 -5.99 18.34 -23.00
CA GLN B 6 -5.45 19.66 -22.71
C GLN B 6 -5.04 19.80 -21.25
N LYS B 7 -5.84 19.25 -20.34
CA LYS B 7 -5.48 19.27 -18.93
C LYS B 7 -4.23 18.43 -18.66
N LEU B 8 -4.13 17.25 -19.30
CA LEU B 8 -2.93 16.44 -19.14
C LEU B 8 -1.69 17.15 -19.67
N ALA B 9 -1.84 17.89 -20.78
CA ALA B 9 -0.72 18.67 -21.30
C ALA B 9 -0.32 19.77 -20.34
N ALA B 10 -1.29 20.41 -19.67
CA ALA B 10 -0.97 21.45 -18.71
C ALA B 10 -0.25 20.87 -17.50
N LEU B 11 -0.71 19.72 -17.02
CA LEU B 11 -0.02 19.03 -15.94
C LEU B 11 1.41 18.70 -16.36
N GLU B 12 1.57 18.15 -17.56
CA GLU B 12 2.91 17.80 -18.04
C GLU B 12 3.81 19.02 -18.09
N LYS B 13 3.30 20.13 -18.62
CA LYS B 13 4.11 21.34 -18.75
C LYS B 13 4.59 21.82 -17.37
N SER B 14 3.71 21.83 -16.38
CA SER B 14 4.10 22.27 -15.05
C SER B 14 5.10 21.32 -14.41
N SER B 15 5.04 20.03 -14.75
CA SER B 15 5.89 19.01 -14.14
C SER B 15 7.32 19.06 -14.65
N GLY B 16 7.55 19.64 -15.83
CA GLY B 16 8.87 19.65 -16.43
C GLY B 16 9.28 18.37 -17.13
N GLY B 17 8.47 17.31 -17.07
CA GLY B 17 8.87 16.03 -17.64
C GLY B 17 8.01 15.62 -18.81
N ARG B 18 7.93 14.31 -19.04
CA ARG B 18 7.17 13.74 -20.15
C ARG B 18 6.22 12.71 -19.57
N LEU B 19 4.93 12.89 -19.86
CA LEU B 19 3.85 12.11 -19.29
C LEU B 19 3.17 11.29 -20.38
N GLY B 20 2.92 10.02 -20.07
CA GLY B 20 2.17 9.15 -20.95
C GLY B 20 1.00 8.51 -20.22
N VAL B 21 -0.18 8.55 -20.83
CA VAL B 21 -1.39 8.06 -20.20
C VAL B 21 -2.16 7.21 -21.20
N ALA B 22 -2.71 6.09 -20.73
CA ALA B 22 -3.69 5.35 -21.50
C ALA B 22 -4.76 4.81 -20.57
N LEU B 23 -6.00 5.16 -20.87
CA LEU B 23 -7.18 4.64 -20.20
C LEU B 23 -7.95 3.77 -21.17
N ILE B 24 -8.42 2.61 -20.69
CA ILE B 24 -9.48 1.87 -21.36
C ILE B 24 -10.65 1.77 -20.40
N ASP B 25 -11.82 2.20 -20.85
CA ASP B 25 -13.06 2.01 -20.11
C ASP B 25 -13.72 0.75 -20.64
N THR B 26 -13.76 -0.31 -19.82
CA THR B 26 -14.24 -1.61 -20.32
C THR B 26 -15.75 -1.68 -20.45
N ALA B 27 -16.48 -0.64 -20.03
CA ALA B 27 -17.92 -0.62 -20.31
C ALA B 27 -18.19 -0.50 -21.80
N ASP B 28 -17.44 0.38 -22.48
CA ASP B 28 -17.67 0.67 -23.88
C ASP B 28 -16.43 0.54 -24.75
N ASN B 29 -15.30 0.12 -24.17
CA ASN B 29 -14.03 -0.06 -24.86
C ASN B 29 -13.41 1.25 -25.33
N THR B 30 -13.93 2.39 -24.88
CA THR B 30 -13.36 3.66 -25.31
C THR B 30 -12.03 3.91 -24.59
N GLN B 31 -11.20 4.70 -25.24
CA GLN B 31 -9.84 4.94 -24.78
C GLN B 31 -9.58 6.44 -24.70
N VAL B 32 -8.77 6.82 -23.72
CA VAL B 32 -8.23 8.16 -23.63
C VAL B 32 -6.72 8.02 -23.58
N LEU B 33 -6.03 8.70 -24.48
CA LEU B 33 -4.59 8.55 -24.64
C LEU B 33 -3.91 9.91 -24.60
N TYR B 34 -2.74 9.96 -23.95
CA TYR B 34 -1.86 11.11 -23.99
C TYR B 34 -0.45 10.59 -24.20
N ARG B 35 0.18 10.98 -25.32
CA ARG B 35 1.43 10.34 -25.74
C ARG B 35 1.31 8.81 -25.71
N GLY B 36 0.15 8.31 -26.16
CA GLY B 36 -0.17 6.91 -25.99
C GLY B 36 0.69 5.96 -26.79
N ASP B 37 1.34 6.46 -27.84
CA ASP B 37 2.19 5.64 -28.69
C ASP B 37 3.67 6.00 -28.57
N GLU B 38 4.03 6.82 -27.58
CA GLU B 38 5.43 7.08 -27.29
C GLU B 38 5.96 6.02 -26.34
N ARG B 39 7.26 5.73 -26.45
CA ARG B 39 7.88 4.73 -25.60
C ARG B 39 8.34 5.34 -24.29
N PHE B 40 8.17 4.58 -23.21
CA PHE B 40 8.60 4.95 -21.88
C PHE B 40 9.28 3.74 -21.25
N PRO B 41 10.25 3.97 -20.35
CA PRO B 41 10.82 2.84 -19.58
C PRO B 41 9.79 2.29 -18.63
N MET B 42 9.60 0.96 -18.65
CA MET B 42 8.58 0.33 -17.82
C MET B 42 8.97 0.29 -16.35
N CYS B 43 10.27 0.16 -16.07
CA CYS B 43 10.74 -0.15 -14.72
C CYS B 43 9.93 -1.29 -14.14
N SER B 44 9.56 -1.22 -12.85
CA SER B 44 8.94 -2.39 -12.21
C SER B 44 7.52 -2.67 -12.67
N THR B 45 6.90 -1.82 -13.50
CA THR B 45 5.64 -2.23 -14.08
C THR B 45 5.80 -3.48 -14.95
N SER B 46 7.02 -3.75 -15.43
CA SER B 46 7.30 -4.98 -16.18
C SER B 46 7.12 -6.24 -15.34
N LYS B 47 7.11 -6.12 -14.00
CA LYS B 47 6.93 -7.30 -13.16
C LYS B 47 5.58 -7.97 -13.39
N VAL B 48 4.57 -7.20 -13.82
CA VAL B 48 3.28 -7.81 -14.13
C VAL B 48 3.42 -8.80 -15.28
N MET B 49 4.15 -8.43 -16.34
CA MET B 49 4.28 -9.33 -17.48
C MET B 49 5.04 -10.59 -17.10
N ALA B 50 6.08 -10.46 -16.28
CA ALA B 50 6.86 -11.63 -15.88
C ALA B 50 6.03 -12.57 -15.00
N ALA B 51 5.30 -12.02 -14.03
CA ALA B 51 4.46 -12.86 -13.19
C ALA B 51 3.37 -13.54 -14.00
N ALA B 52 2.77 -12.81 -14.95
CA ALA B 52 1.74 -13.39 -15.79
C ALA B 52 2.29 -14.50 -16.67
N ALA B 53 3.53 -14.35 -17.16
CA ALA B 53 4.13 -15.39 -17.99
C ALA B 53 4.31 -16.67 -17.21
N VAL B 54 4.72 -16.56 -15.94
CA VAL B 54 4.85 -17.73 -15.08
C VAL B 54 3.48 -18.33 -14.78
N LEU B 55 2.48 -17.49 -14.51
CA LEU B 55 1.12 -17.99 -14.36
C LEU B 55 0.68 -18.79 -15.59
N LYS B 56 0.99 -18.29 -16.79
CA LYS B 56 0.65 -19.04 -18.00
C LYS B 56 1.35 -20.40 -18.02
N GLN B 57 2.63 -20.44 -17.65
CA GLN B 57 3.32 -21.74 -17.58
C GLN B 57 2.63 -22.69 -16.61
N SER B 58 2.10 -22.16 -15.50
CA SER B 58 1.47 -22.99 -14.49
C SER B 58 0.16 -23.61 -14.98
N GLU B 59 -0.40 -23.10 -16.07
CA GLU B 59 -1.63 -23.69 -16.60
C GLU B 59 -1.43 -25.12 -17.05
N THR B 60 -0.21 -25.47 -17.48
CA THR B 60 0.08 -26.83 -17.89
C THR B 60 0.94 -27.59 -16.89
N GLN B 61 1.26 -26.99 -15.74
CA GLN B 61 2.02 -27.61 -14.65
C GLN B 61 1.35 -27.21 -13.35
N LYS B 62 0.42 -28.07 -12.88
CA LYS B 62 -0.43 -27.72 -11.75
C LYS B 62 0.37 -27.39 -10.49
N GLN B 63 1.55 -28.00 -10.32
CA GLN B 63 2.34 -27.78 -9.10
C GLN B 63 3.51 -26.82 -9.31
N LEU B 64 3.60 -26.15 -10.47
CA LEU B 64 4.73 -25.27 -10.73
C LEU B 64 4.89 -24.20 -9.67
N LEU B 65 3.78 -23.57 -9.25
CA LEU B 65 3.87 -22.45 -8.34
C LEU B 65 4.32 -22.85 -6.94
N ASN B 66 4.33 -24.13 -6.63
CA ASN B 66 4.72 -24.59 -5.30
C ASN B 66 6.11 -25.20 -5.26
N GLN B 67 6.82 -25.26 -6.39
CA GLN B 67 8.11 -25.93 -6.31
C GLN B 67 9.15 -24.99 -5.69
N PRO B 68 10.09 -25.53 -4.91
CA PRO B 68 11.07 -24.68 -4.23
C PRO B 68 12.12 -24.15 -5.18
N VAL B 69 12.43 -22.86 -5.06
CA VAL B 69 13.51 -22.19 -5.79
C VAL B 69 14.54 -21.73 -4.76
N GLU B 70 15.80 -22.11 -4.98
N GLU B 70 15.80 -22.12 -4.97
CA GLU B 70 16.86 -21.75 -4.04
CA GLU B 70 16.86 -21.75 -4.04
C GLU B 70 17.24 -20.28 -4.18
C GLU B 70 17.23 -20.27 -4.18
N ILE B 71 17.37 -19.61 -3.03
CA ILE B 71 17.81 -18.23 -2.97
C ILE B 71 19.21 -18.23 -2.38
N LYS B 72 20.17 -17.67 -3.11
CA LYS B 72 21.55 -17.60 -2.66
C LYS B 72 21.94 -16.15 -2.45
N HIS B 73 22.97 -15.94 -1.63
CA HIS B 73 23.41 -14.58 -1.37
C HIS B 73 23.76 -13.84 -2.66
N ALA B 74 24.35 -14.54 -3.63
CA ALA B 74 24.72 -13.91 -4.89
C ALA B 74 23.51 -13.44 -5.68
N ASP B 75 22.31 -13.96 -5.37
CA ASP B 75 21.10 -13.53 -6.06
C ASP B 75 20.62 -12.14 -5.64
N LEU B 76 21.03 -11.68 -4.46
CA LEU B 76 20.50 -10.42 -3.95
C LEU B 76 21.00 -9.25 -4.80
N VAL B 77 20.08 -8.36 -5.16
CA VAL B 77 20.44 -7.14 -5.86
C VAL B 77 20.16 -5.93 -4.98
N ASN B 78 19.50 -4.90 -5.51
CA ASN B 78 19.45 -3.60 -4.85
C ASN B 78 18.18 -3.35 -4.04
N TYR B 79 17.20 -4.25 -4.08
CA TYR B 79 15.96 -4.03 -3.33
C TYR B 79 15.30 -5.40 -3.18
N ASN B 80 15.49 -6.01 -2.01
CA ASN B 80 15.16 -7.42 -1.81
C ASN B 80 14.45 -7.61 -0.49
N PRO B 81 13.38 -6.87 -0.20
CA PRO B 81 12.79 -6.92 1.14
C PRO B 81 12.28 -8.28 1.56
N ILE B 82 11.83 -9.11 0.63
CA ILE B 82 11.38 -10.45 0.94
C ILE B 82 12.48 -11.48 0.73
N ALA B 83 13.15 -11.44 -0.42
CA ALA B 83 14.12 -12.47 -0.77
C ALA B 83 15.28 -12.52 0.22
N GLU B 84 15.68 -11.38 0.78
CA GLU B 84 16.83 -11.40 1.68
C GLU B 84 16.58 -12.26 2.91
N LYS B 85 15.31 -12.44 3.30
CA LYS B 85 15.00 -13.27 4.45
C LYS B 85 15.18 -14.75 4.17
N HIS B 86 15.33 -15.13 2.90
CA HIS B 86 15.36 -16.52 2.49
C HIS B 86 16.67 -16.95 1.88
N VAL B 87 17.72 -16.13 2.02
CA VAL B 87 19.04 -16.54 1.55
C VAL B 87 19.44 -17.84 2.24
N ASN B 88 20.00 -18.77 1.46
CA ASN B 88 20.33 -20.12 1.88
C ASN B 88 19.10 -21.00 2.09
N GLY B 89 17.91 -20.49 1.75
CA GLY B 89 16.68 -21.24 1.83
C GLY B 89 15.98 -21.27 0.49
N THR B 90 14.66 -21.44 0.50
CA THR B 90 13.88 -21.54 -0.73
C THR B 90 12.65 -20.66 -0.66
N MET B 91 12.20 -20.23 -1.83
CA MET B 91 10.89 -19.62 -2.04
C MET B 91 10.25 -20.29 -3.23
N THR B 92 8.94 -20.43 -3.19
CA THR B 92 8.24 -20.98 -4.35
C THR B 92 7.99 -19.90 -5.39
N LEU B 93 7.63 -20.31 -6.60
CA LEU B 93 7.32 -19.32 -7.63
C LEU B 93 6.10 -18.49 -7.27
N ALA B 94 5.13 -19.05 -6.52
CA ALA B 94 4.05 -18.22 -6.01
C ALA B 94 4.59 -17.16 -5.06
N GLU B 95 5.47 -17.55 -4.13
CA GLU B 95 6.05 -16.59 -3.19
C GLU B 95 6.87 -15.53 -3.93
N LEU B 96 7.61 -15.94 -4.96
CA LEU B 96 8.40 -14.98 -5.72
C LEU B 96 7.50 -14.03 -6.50
N SER B 97 6.41 -14.54 -7.06
CA SER B 97 5.47 -13.68 -7.77
C SER B 97 4.84 -12.66 -6.82
N ALA B 98 4.38 -13.13 -5.66
CA ALA B 98 3.78 -12.23 -4.67
C ALA B 98 4.77 -11.18 -4.22
N ALA B 99 6.03 -11.57 -3.99
CA ALA B 99 7.03 -10.62 -3.54
C ALA B 99 7.34 -9.58 -4.61
N ALA B 100 7.51 -10.04 -5.85
CA ALA B 100 7.77 -9.13 -6.96
C ALA B 100 6.62 -8.14 -7.13
N LEU B 101 5.39 -8.62 -7.09
CA LEU B 101 4.26 -7.75 -7.39
C LEU B 101 3.88 -6.87 -6.21
N GLN B 102 3.84 -7.43 -5.00
CA GLN B 102 3.26 -6.70 -3.87
C GLN B 102 4.28 -5.90 -3.09
N TYR B 103 5.58 -6.31 -3.16
CA TYR B 103 6.63 -5.60 -2.46
C TYR B 103 7.66 -5.01 -3.48
N SER B 104 7.48 -5.31 -4.78
CA SER B 104 8.42 -4.79 -5.79
C SER B 104 9.87 -5.31 -5.59
N ASP B 105 9.96 -6.58 -5.12
CA ASP B 105 11.26 -7.19 -4.84
C ASP B 105 11.99 -7.53 -6.14
N ASN B 106 13.19 -6.96 -6.31
CA ASN B 106 13.96 -7.13 -7.53
C ASN B 106 14.63 -8.49 -7.64
N THR B 107 15.03 -9.10 -6.52
CA THR B 107 15.55 -10.46 -6.57
C THR B 107 14.45 -11.43 -7.01
N ALA B 108 13.24 -11.24 -6.47
CA ALA B 108 12.13 -12.09 -6.88
C ALA B 108 11.86 -11.96 -8.36
N MET B 109 11.84 -10.73 -8.89
CA MET B 109 11.69 -10.54 -10.33
C MET B 109 12.75 -11.30 -11.11
N ASN B 110 14.02 -11.24 -10.67
CA ASN B 110 15.05 -11.96 -11.41
C ASN B 110 14.79 -13.47 -11.45
N LYS B 111 14.22 -14.03 -10.38
CA LYS B 111 13.87 -15.45 -10.41
C LYS B 111 12.76 -15.73 -11.42
N LEU B 112 11.79 -14.81 -11.53
CA LEU B 112 10.75 -14.97 -12.55
C LEU B 112 11.34 -14.93 -13.95
N ILE B 113 12.21 -13.94 -14.21
CA ILE B 113 12.86 -13.84 -15.51
C ILE B 113 13.64 -15.12 -15.82
N ALA B 114 14.37 -15.63 -14.82
CA ALA B 114 15.18 -16.84 -15.04
C ALA B 114 14.29 -18.04 -15.36
N GLN B 115 13.15 -18.15 -14.67
CA GLN B 115 12.21 -19.22 -14.94
C GLN B 115 11.73 -19.20 -16.38
N LEU B 116 11.69 -18.01 -16.99
CA LEU B 116 11.25 -17.83 -18.37
C LEU B 116 12.38 -17.87 -19.37
N GLY B 117 13.61 -18.10 -18.93
CA GLY B 117 14.72 -18.21 -19.84
C GLY B 117 15.39 -16.90 -20.19
N GLY B 118 15.17 -15.87 -19.39
CA GLY B 118 15.78 -14.58 -19.63
C GLY B 118 14.77 -13.54 -20.06
N PRO B 119 15.23 -12.30 -20.20
CA PRO B 119 14.31 -11.21 -20.59
C PRO B 119 13.52 -11.52 -21.85
N GLY B 120 14.17 -12.17 -22.84
CA GLY B 120 13.48 -12.48 -24.07
C GLY B 120 12.32 -13.44 -23.89
N GLY B 121 12.35 -14.26 -22.85
CA GLY B 121 11.20 -15.10 -22.53
C GLY B 121 10.00 -14.30 -22.07
N VAL B 122 10.24 -13.17 -21.39
CA VAL B 122 9.14 -12.29 -21.03
C VAL B 122 8.56 -11.64 -22.27
N THR B 123 9.43 -11.15 -23.17
CA THR B 123 8.98 -10.59 -24.43
C THR B 123 8.21 -11.61 -25.26
N ALA B 124 8.68 -12.86 -25.28
CA ALA B 124 7.98 -13.89 -26.05
C ALA B 124 6.56 -14.10 -25.53
N PHE B 125 6.39 -14.09 -24.21
CA PHE B 125 5.03 -14.19 -23.67
C PHE B 125 4.17 -13.02 -24.09
N ALA B 126 4.72 -11.80 -24.02
CA ALA B 126 4.00 -10.62 -24.48
C ALA B 126 3.50 -10.81 -25.91
N ARG B 127 4.38 -11.29 -26.81
CA ARG B 127 3.96 -11.51 -28.18
C ARG B 127 2.87 -12.57 -28.26
N ALA B 128 2.95 -13.59 -27.42
CA ALA B 128 1.97 -14.67 -27.46
C ALA B 128 0.58 -14.18 -27.09
N ILE B 129 0.48 -13.10 -26.31
CA ILE B 129 -0.82 -12.56 -25.93
C ILE B 129 -1.18 -11.32 -26.75
N GLY B 130 -0.47 -11.07 -27.84
CA GLY B 130 -0.85 -10.01 -28.77
C GLY B 130 -0.21 -8.66 -28.54
N ASP B 131 0.76 -8.55 -27.63
CA ASP B 131 1.44 -7.29 -27.38
C ASP B 131 2.70 -7.28 -28.23
N GLU B 132 2.69 -6.49 -29.32
N GLU B 132 2.68 -6.49 -29.32
CA GLU B 132 3.78 -6.36 -30.27
CA GLU B 132 3.78 -6.36 -30.27
C GLU B 132 4.79 -5.28 -29.87
C GLU B 132 4.79 -5.28 -29.87
N THR B 133 4.53 -4.58 -28.75
CA THR B 133 5.28 -3.38 -28.38
C THR B 133 6.23 -3.59 -27.21
N PHE B 134 5.76 -4.29 -26.18
CA PHE B 134 6.56 -4.59 -24.99
C PHE B 134 7.90 -5.20 -25.38
N ARG B 135 8.96 -4.77 -24.71
CA ARG B 135 10.23 -5.50 -24.81
C ARG B 135 10.95 -5.44 -23.48
N LEU B 136 11.41 -6.60 -23.02
CA LEU B 136 12.30 -6.68 -21.87
C LEU B 136 13.64 -7.18 -22.39
N ASP B 137 14.69 -6.45 -22.05
CA ASP B 137 16.02 -6.67 -22.60
C ASP B 137 17.06 -6.97 -21.53
N ARG B 138 16.82 -6.59 -20.29
CA ARG B 138 17.78 -6.73 -19.21
C ARG B 138 17.07 -7.28 -17.98
N THR B 139 17.89 -7.73 -17.02
CA THR B 139 17.42 -8.16 -15.71
C THR B 139 17.44 -7.00 -14.74
N GLU B 140 17.06 -7.28 -13.46
CA GLU B 140 17.17 -6.29 -12.39
C GLU B 140 18.61 -6.25 -11.88
N PRO B 141 19.14 -5.06 -11.54
CA PRO B 141 18.44 -3.76 -11.49
C PRO B 141 18.60 -2.91 -12.76
N THR B 142 19.40 -3.35 -13.73
CA THR B 142 19.76 -2.46 -14.84
C THR B 142 18.59 -2.15 -15.76
N LEU B 143 17.51 -2.94 -15.74
CA LEU B 143 16.38 -2.61 -16.60
C LEU B 143 15.72 -1.29 -16.22
N ASN B 144 16.10 -0.69 -15.08
CA ASN B 144 15.54 0.57 -14.61
C ASN B 144 16.39 1.80 -14.94
N THR B 145 17.42 1.67 -15.78
CA THR B 145 18.26 2.84 -16.04
C THR B 145 17.45 3.97 -16.65
N ALA B 146 16.49 3.66 -17.51
CA ALA B 146 15.48 4.62 -17.97
C ALA B 146 16.07 5.80 -18.73
N ILE B 147 17.09 5.54 -19.55
CA ILE B 147 17.80 6.58 -20.28
C ILE B 147 16.91 7.11 -21.42
N PRO B 148 16.76 8.43 -21.57
CA PRO B 148 15.91 8.93 -22.66
C PRO B 148 16.42 8.45 -24.01
N GLY B 149 15.49 8.02 -24.86
CA GLY B 149 15.81 7.55 -26.20
C GLY B 149 16.25 6.10 -26.27
N ASP B 150 16.50 5.45 -25.14
CA ASP B 150 16.94 4.06 -25.13
C ASP B 150 15.72 3.17 -25.30
N PRO B 151 15.68 2.30 -26.31
CA PRO B 151 14.50 1.45 -26.51
C PRO B 151 14.44 0.26 -25.56
N ARG B 152 15.51 -0.04 -24.84
CA ARG B 152 15.51 -1.23 -24.00
C ARG B 152 14.50 -1.10 -22.87
N ASP B 153 13.78 -2.18 -22.61
CA ASP B 153 12.91 -2.25 -21.42
C ASP B 153 11.81 -1.20 -21.44
N THR B 154 11.23 -0.98 -22.62
CA THR B 154 10.19 0.01 -22.82
C THR B 154 8.91 -0.61 -23.35
N THR B 155 7.83 0.16 -23.24
CA THR B 155 6.60 -0.09 -23.97
C THR B 155 5.90 1.24 -24.17
N THR B 156 4.70 1.21 -24.74
CA THR B 156 3.90 2.41 -24.85
C THR B 156 2.71 2.33 -23.90
N PRO B 157 2.15 3.47 -23.51
CA PRO B 157 0.95 3.43 -22.66
C PRO B 157 -0.19 2.65 -23.28
N ARG B 158 -0.45 2.84 -24.58
CA ARG B 158 -1.53 2.13 -25.24
C ARG B 158 -1.33 0.62 -25.15
N ALA B 159 -0.12 0.15 -25.47
CA ALA B 159 0.10 -1.29 -25.47
C ALA B 159 -0.03 -1.87 -24.06
N MET B 160 0.46 -1.18 -23.10
CA MET B 160 0.48 -1.71 -21.67
C MET B 160 -1.02 -1.81 -21.16
N ALA B 161 -1.78 -0.74 -21.48
CA ALA B 161 -3.16 -0.77 -21.04
C ALA B 161 -3.92 -1.93 -21.66
N GLN B 162 -3.71 -2.15 -22.96
CA GLN B 162 -4.37 -3.27 -23.62
C GLN B 162 -3.95 -4.59 -23.01
N THR B 163 -2.65 -4.77 -22.76
CA THR B 163 -2.16 -6.00 -22.17
C THR B 163 -2.72 -6.19 -20.76
N LEU B 164 -2.69 -5.13 -19.95
CA LEU B 164 -3.18 -5.27 -18.59
C LEU B 164 -4.66 -5.64 -18.58
N ARG B 165 -5.43 -5.08 -19.52
CA ARG B 165 -6.84 -5.48 -19.65
C ARG B 165 -6.97 -6.96 -19.98
N GLN B 166 -6.22 -7.43 -20.98
CA GLN B 166 -6.33 -8.82 -21.39
C GLN B 166 -5.94 -9.78 -20.27
N LEU B 167 -4.93 -9.40 -19.47
CA LEU B 167 -4.44 -10.26 -18.41
C LEU B 167 -5.40 -10.32 -17.22
N THR B 168 -5.99 -9.18 -16.84
CA THR B 168 -6.75 -9.11 -15.59
C THR B 168 -8.24 -9.21 -15.77
N LEU B 169 -8.76 -8.82 -16.94
CA LEU B 169 -10.18 -8.82 -17.20
C LEU B 169 -10.58 -9.67 -18.39
N GLY B 170 -9.66 -9.93 -19.31
CA GLY B 170 -9.89 -10.77 -20.47
C GLY B 170 -9.43 -12.19 -20.24
N HIS B 171 -9.03 -12.84 -21.34
CA HIS B 171 -8.78 -14.28 -21.32
C HIS B 171 -7.37 -14.63 -21.77
N ALA B 172 -6.41 -13.73 -21.55
CA ALA B 172 -5.02 -14.07 -21.84
C ALA B 172 -4.52 -15.18 -20.91
N LEU B 173 -5.06 -15.25 -19.70
CA LEU B 173 -4.77 -16.30 -18.74
C LEU B 173 -6.01 -17.14 -18.50
N GLY B 174 -5.81 -18.36 -17.99
CA GLY B 174 -6.93 -19.14 -17.51
C GLY B 174 -7.62 -18.47 -16.34
N GLU B 175 -8.84 -18.93 -16.06
CA GLU B 175 -9.67 -18.24 -15.07
C GLU B 175 -9.02 -18.21 -13.69
N THR B 176 -8.48 -19.35 -13.24
CA THR B 176 -7.82 -19.40 -11.93
C THR B 176 -6.62 -18.48 -11.89
N GLN B 177 -5.85 -18.44 -12.98
CA GLN B 177 -4.64 -17.64 -13.03
C GLN B 177 -4.96 -16.16 -13.08
N ARG B 178 -5.99 -15.78 -13.86
CA ARG B 178 -6.44 -14.39 -13.87
C ARG B 178 -6.85 -13.94 -12.48
N ALA B 179 -7.62 -14.78 -11.77
CA ALA B 179 -8.04 -14.43 -10.42
C ALA B 179 -6.84 -14.28 -9.48
N GLN B 180 -5.82 -15.13 -9.64
CA GLN B 180 -4.62 -15.00 -8.82
C GLN B 180 -3.90 -13.69 -9.10
N LEU B 181 -3.77 -13.33 -10.38
CA LEU B 181 -3.11 -12.06 -10.71
C LEU B 181 -3.88 -10.89 -10.12
N VAL B 182 -5.21 -10.91 -10.23
CA VAL B 182 -6.02 -9.84 -9.67
C VAL B 182 -5.83 -9.76 -8.16
N THR B 183 -5.87 -10.91 -7.47
CA THR B 183 -5.64 -10.93 -6.03
C THR B 183 -4.29 -10.30 -5.68
N TRP B 184 -3.25 -10.65 -6.42
CA TRP B 184 -1.93 -10.11 -6.15
C TRP B 184 -1.91 -8.59 -6.33
N LEU B 185 -2.44 -8.11 -7.45
CA LEU B 185 -2.44 -6.66 -7.69
C LEU B 185 -3.24 -5.91 -6.63
N LYS B 186 -4.39 -6.46 -6.22
CA LYS B 186 -5.22 -5.79 -5.22
C LYS B 186 -4.53 -5.69 -3.87
N GLY B 187 -3.59 -6.61 -3.58
CA GLY B 187 -2.84 -6.60 -2.35
C GLY B 187 -1.52 -5.88 -2.43
N ASN B 188 -1.27 -5.10 -3.49
CA ASN B 188 -0.05 -4.33 -3.57
C ASN B 188 0.11 -3.43 -2.35
N THR B 189 1.35 -3.31 -1.86
CA THR B 189 1.64 -2.43 -0.73
C THR B 189 2.15 -1.06 -1.15
N THR B 190 2.53 -0.84 -2.40
CA THR B 190 3.33 0.32 -2.78
C THR B 190 2.55 1.41 -3.49
N GLY B 191 1.23 1.30 -3.63
CA GLY B 191 0.50 2.12 -4.58
C GLY B 191 -0.30 3.31 -4.09
N ALA B 192 -0.37 3.57 -2.78
CA ALA B 192 -1.33 4.56 -2.28
C ALA B 192 -1.03 5.99 -2.69
N ALA B 193 0.21 6.31 -3.09
CA ALA B 193 0.57 7.67 -3.48
C ALA B 193 0.47 7.90 -4.98
N SER B 194 0.15 6.88 -5.77
CA SER B 194 0.23 6.95 -7.22
C SER B 194 -1.19 7.06 -7.80
N ILE B 195 -1.58 6.22 -8.75
CA ILE B 195 -2.90 6.36 -9.38
C ILE B 195 -4.00 6.44 -8.33
N ARG B 196 -3.92 5.58 -7.30
CA ARG B 196 -4.96 5.53 -6.26
C ARG B 196 -5.22 6.89 -5.64
N ALA B 197 -4.16 7.67 -5.44
CA ALA B 197 -4.32 8.94 -4.75
C ALA B 197 -5.15 9.93 -5.53
N GLY B 198 -5.32 9.73 -6.83
CA GLY B 198 -6.11 10.62 -7.63
C GLY B 198 -7.54 10.19 -7.86
N LEU B 199 -7.96 9.05 -7.30
CA LEU B 199 -9.26 8.49 -7.58
C LEU B 199 -10.17 8.56 -6.36
N PRO B 200 -11.49 8.50 -6.57
CA PRO B 200 -12.41 8.44 -5.43
C PRO B 200 -12.08 7.25 -4.53
N THR B 201 -12.18 7.48 -3.22
CA THR B 201 -11.80 6.46 -2.26
C THR B 201 -12.69 5.22 -2.33
N SER B 202 -13.92 5.37 -2.83
CA SER B 202 -14.81 4.22 -2.89
C SER B 202 -14.38 3.20 -3.93
N TRP B 203 -13.55 3.61 -4.89
CA TRP B 203 -13.13 2.73 -5.96
C TRP B 203 -12.05 1.77 -5.47
N THR B 204 -12.07 0.57 -6.00
CA THR B 204 -11.08 -0.44 -5.66
C THR B 204 -10.01 -0.48 -6.75
N VAL B 205 -8.75 -0.51 -6.33
CA VAL B 205 -7.61 -0.47 -7.24
C VAL B 205 -6.68 -1.65 -6.97
N GLY B 206 -6.24 -2.29 -8.06
CA GLY B 206 -5.08 -3.16 -8.01
C GLY B 206 -4.03 -2.56 -8.93
N ASP B 207 -2.78 -2.43 -8.49
CA ASP B 207 -1.83 -1.71 -9.30
C ASP B 207 -0.43 -2.27 -9.12
N LYS B 208 0.45 -1.87 -10.03
CA LYS B 208 1.88 -2.13 -9.92
C LYS B 208 2.65 -0.86 -10.26
N THR B 209 3.45 -0.39 -9.31
CA THR B 209 4.27 0.81 -9.45
C THR B 209 5.63 0.47 -10.08
N GLY B 210 6.33 1.50 -10.51
CA GLY B 210 7.73 1.38 -10.88
C GLY B 210 8.40 2.73 -10.79
N SER B 211 9.73 2.68 -10.67
CA SER B 211 10.52 3.91 -10.70
C SER B 211 11.95 3.55 -11.10
N GLY B 212 12.68 4.56 -11.54
CA GLY B 212 14.01 4.30 -12.05
C GLY B 212 14.81 5.57 -12.26
N GLY B 213 15.84 5.45 -13.08
CA GLY B 213 16.64 6.63 -13.40
C GLY B 213 15.81 7.68 -14.11
N TYR B 214 16.39 8.87 -14.20
CA TYR B 214 15.72 10.00 -14.85
C TYR B 214 14.38 10.33 -14.18
N GLY B 215 14.31 10.10 -12.87
CA GLY B 215 13.10 10.40 -12.12
C GLY B 215 11.88 9.68 -12.65
N THR B 216 12.10 8.54 -13.29
CA THR B 216 11.00 7.83 -13.91
C THR B 216 10.08 7.30 -12.82
N THR B 217 8.78 7.54 -12.98
CA THR B 217 7.77 7.22 -11.97
C THR B 217 6.55 6.72 -12.70
N ASN B 218 6.15 5.47 -12.42
CA ASN B 218 5.14 4.78 -13.22
C ASN B 218 4.14 4.08 -12.31
N ASP B 219 2.97 3.82 -12.88
CA ASP B 219 1.96 3.01 -12.20
C ASP B 219 1.03 2.48 -13.29
N ILE B 220 0.64 1.21 -13.15
CA ILE B 220 -0.38 0.61 -14.02
C ILE B 220 -1.43 -0.02 -13.13
N ALA B 221 -2.70 0.20 -13.46
CA ALA B 221 -3.76 -0.14 -12.52
C ALA B 221 -4.98 -0.69 -13.25
N VAL B 222 -5.66 -1.62 -12.58
N VAL B 222 -5.63 -1.64 -12.59
CA VAL B 222 -7.02 -2.00 -12.91
CA VAL B 222 -7.01 -2.00 -12.88
C VAL B 222 -7.92 -1.50 -11.79
C VAL B 222 -7.87 -1.40 -11.77
N ILE B 223 -9.00 -0.83 -12.16
CA ILE B 223 -9.82 -0.04 -11.26
C ILE B 223 -11.25 -0.54 -11.34
N TRP B 224 -11.89 -0.78 -10.19
CA TRP B 224 -13.27 -1.24 -10.08
C TRP B 224 -14.04 -0.18 -9.32
N PRO B 225 -14.63 0.76 -10.11
CA PRO B 225 -15.55 1.74 -9.46
C PRO B 225 -16.78 0.96 -8.96
N GLN B 226 -17.58 1.47 -7.99
CA GLN B 226 -18.77 0.73 -7.52
C GLN B 226 -19.87 0.70 -8.58
N GLY B 227 -20.03 1.83 -9.29
CA GLY B 227 -21.22 1.93 -10.11
C GLY B 227 -21.02 1.80 -11.61
N ARG B 228 -19.89 1.25 -12.05
CA ARG B 228 -19.65 1.11 -13.48
C ARG B 228 -18.61 0.03 -13.70
N ALA B 229 -18.47 -0.35 -14.97
CA ALA B 229 -17.56 -1.41 -15.36
C ALA B 229 -16.11 -1.00 -15.09
N PRO B 230 -15.21 -1.98 -14.97
CA PRO B 230 -13.83 -1.67 -14.61
C PRO B 230 -13.13 -0.81 -15.66
N LEU B 231 -12.10 -0.10 -15.20
CA LEU B 231 -11.21 0.68 -16.03
C LEU B 231 -9.80 0.12 -15.92
N VAL B 232 -9.01 0.36 -16.96
CA VAL B 232 -7.57 0.08 -16.93
C VAL B 232 -6.86 1.38 -17.22
N LEU B 233 -5.87 1.72 -16.39
CA LEU B 233 -5.18 3.01 -16.51
C LEU B 233 -3.68 2.82 -16.35
N VAL B 234 -2.92 3.35 -17.30
CA VAL B 234 -1.47 3.38 -17.28
C VAL B 234 -1.04 4.85 -17.19
N THR B 235 -0.15 5.15 -16.24
CA THR B 235 0.44 6.48 -16.13
C THR B 235 1.95 6.32 -16.04
N TYR B 236 2.66 6.77 -17.08
N TYR B 236 2.66 6.82 -17.04
CA TYR B 236 4.11 6.77 -17.15
CA TYR B 236 4.11 6.74 -17.12
C TYR B 236 4.61 8.20 -17.03
C TYR B 236 4.68 8.16 -17.13
N PHE B 237 5.79 8.37 -16.44
CA PHE B 237 6.36 9.71 -16.31
C PHE B 237 7.87 9.61 -16.24
N THR B 238 8.57 10.46 -17.00
CA THR B 238 10.03 10.44 -17.01
C THR B 238 10.53 11.86 -17.21
N GLN B 239 11.75 12.13 -16.75
CA GLN B 239 12.26 13.49 -16.62
C GLN B 239 13.61 13.61 -17.30
N PRO B 240 14.06 14.85 -17.58
CA PRO B 240 15.25 15.02 -18.42
C PRO B 240 16.59 14.78 -17.75
N GLN B 241 16.69 14.89 -16.43
CA GLN B 241 17.96 14.77 -15.71
C GLN B 241 18.06 13.40 -15.03
N GLN B 242 19.25 12.80 -15.12
N GLN B 242 19.25 12.80 -15.13
CA GLN B 242 19.42 11.43 -14.62
CA GLN B 242 19.46 11.44 -14.62
C GLN B 242 19.08 11.31 -13.15
C GLN B 242 19.07 11.32 -13.16
N ASN B 243 19.42 12.32 -12.35
CA ASN B 243 19.23 12.27 -10.90
C ASN B 243 17.90 12.87 -10.43
N ALA B 244 16.94 13.07 -11.33
CA ALA B 244 15.67 13.69 -10.94
C ALA B 244 14.97 12.86 -9.87
N GLU B 245 14.23 13.54 -8.99
CA GLU B 245 13.48 12.84 -7.96
C GLU B 245 12.16 12.33 -8.50
N SER B 246 11.66 11.28 -7.89
CA SER B 246 10.39 10.69 -8.30
C SER B 246 9.24 11.68 -8.10
N ARG B 247 8.17 11.48 -8.88
CA ARG B 247 7.00 12.36 -8.83
C ARG B 247 5.71 11.52 -8.86
N ARG B 248 5.46 10.74 -7.80
CA ARG B 248 4.22 9.98 -7.73
C ARG B 248 3.00 10.89 -7.76
N ASP B 249 3.13 12.11 -7.23
CA ASP B 249 2.03 13.06 -7.25
C ASP B 249 1.57 13.38 -8.67
N VAL B 250 2.48 13.36 -9.65
CA VAL B 250 2.09 13.61 -11.03
C VAL B 250 1.18 12.50 -11.54
N LEU B 251 1.46 11.25 -11.17
CA LEU B 251 0.58 10.15 -11.54
C LEU B 251 -0.79 10.29 -10.91
N ALA B 252 -0.83 10.66 -9.63
CA ALA B 252 -2.10 10.93 -8.96
C ALA B 252 -2.87 12.03 -9.68
N SER B 253 -2.17 13.10 -10.07
CA SER B 253 -2.82 14.20 -10.77
C SER B 253 -3.36 13.76 -12.12
N ALA B 254 -2.62 12.91 -12.84
CA ALA B 254 -3.12 12.41 -14.11
C ALA B 254 -4.35 11.56 -13.92
N ALA B 255 -4.33 10.69 -12.91
CA ALA B 255 -5.50 9.86 -12.62
C ALA B 255 -6.71 10.72 -12.25
N ARG B 256 -6.49 11.79 -11.50
CA ARG B 256 -7.60 12.66 -11.11
C ARG B 256 -8.24 13.33 -12.33
N ILE B 257 -7.40 13.82 -13.26
CA ILE B 257 -7.91 14.41 -14.49
C ILE B 257 -8.72 13.37 -15.28
N ILE B 258 -8.19 12.15 -15.39
CA ILE B 258 -8.91 11.09 -16.09
C ILE B 258 -10.27 10.82 -15.43
N ALA B 259 -10.27 10.68 -14.09
CA ALA B 259 -11.52 10.41 -13.38
C ALA B 259 -12.52 11.53 -13.56
N GLU B 260 -12.05 12.78 -13.54
CA GLU B 260 -12.91 13.94 -13.75
C GLU B 260 -13.58 13.91 -15.11
N GLY B 261 -12.88 13.37 -16.11
CA GLY B 261 -13.38 13.35 -17.47
C GLY B 261 -14.33 12.24 -17.80
N LEU B 262 -14.59 11.32 -16.86
CA LEU B 262 -15.46 10.20 -17.11
C LEU B 262 -16.92 10.51 -16.75
N1 3GK C . -7.11 6.01 6.18
C6 3GK C . -10.51 5.00 6.39
C7 3GK C . -11.33 6.09 6.69
C8 3GK C . -12.72 5.94 6.72
C9 3GK C . -13.27 4.70 6.46
C13 3GK C . -14.72 7.06 7.67
C17 3GK C . -15.37 10.88 7.72
C18 3GK C . -16.49 10.89 8.57
C22 3GK C . -13.67 11.27 6.38
C24 3GK C . -18.15 9.70 10.00
F27 3GK C . -17.73 9.70 11.27
F25 3GK C . -18.93 10.75 9.82
F26 3GK C . -18.95 8.62 9.91
C19 3GK C . -16.98 9.69 9.08
N23 3GK C . -14.66 11.87 7.08
N21 3GK C . -13.71 9.93 6.57
C16 3GK C . -14.74 9.66 7.39
C20 3GK C . -16.36 8.48 8.75
C15 3GK C . -15.27 8.46 7.91
O14 3GK C . -15.30 6.04 8.04
N12 3GK C . -13.52 7.05 7.04
C10 3GK C . -12.47 3.61 6.16
C11 3GK C . -11.09 3.76 6.13
C3 3GK C . -9.05 5.15 6.34
N2 3GK C . -8.42 6.30 6.13
N4 3GK C . -8.18 4.15 6.52
N5 3GK C . -6.98 4.72 6.41
N1 3GK D . -16.94 11.86 4.58
C6 3GK D . -15.77 8.56 3.99
C7 3GK D . -14.38 8.53 3.84
C8 3GK D . -13.72 7.36 3.50
C9 3GK D . -14.48 6.19 3.33
C13 3GK D . -11.50 6.38 2.88
C17 3GK D . -7.71 5.83 2.57
C18 3GK D . -7.29 7.16 2.67
C22 3GK D . -7.99 3.67 2.38
C24 3GK D . -7.65 9.58 2.91
F27 3GK D . -6.83 9.70 3.94
F25 3GK D . -6.97 9.86 1.82
F26 3GK D . -8.59 10.56 3.06
C19 3GK D . -8.20 8.19 2.83
N23 3GK D . -7.05 4.64 2.41
N21 3GK D . -9.22 4.22 2.53
C16 3GK D . -9.08 5.54 2.64
C20 3GK D . -9.58 7.92 2.90
C15 3GK D . -9.99 6.61 2.81
O14 3GK D . -11.93 5.29 2.51
N12 3GK D . -12.31 7.38 3.35
C10 3GK D . -15.84 6.21 3.49
C11 3GK D . -16.49 7.39 3.82
C3 3GK D . -16.46 9.81 4.37
N2 3GK D . -16.02 11.03 4.08
N4 3GK D . -17.61 9.85 5.03
N5 3GK D . -17.89 11.16 5.15
S SO4 E . -2.85 13.72 0.63
O1 SO4 E . -3.47 14.70 -0.38
O2 SO4 E . -1.51 14.28 0.98
O3 SO4 E . -3.75 13.27 1.68
O4 SO4 E . -2.65 12.42 -0.16
S SO4 F . -19.29 -19.02 2.66
O1 SO4 F . -19.08 -17.60 2.53
O2 SO4 F . -19.60 -19.49 4.02
O3 SO4 F . -17.95 -19.64 2.19
O4 SO4 F . -20.42 -19.40 1.86
S SO4 G . 0.73 -20.92 19.01
O1 SO4 G . -0.48 -20.24 18.43
O2 SO4 G . 1.12 -19.85 19.87
O3 SO4 G . 0.49 -22.20 19.64
O4 SO4 G . 1.73 -21.05 17.99
N1 3GK H . 8.26 1.90 -7.50
C6 3GK H . 11.28 0.02 -7.32
C7 3GK H . 12.34 0.73 -7.89
C8 3GK H . 13.64 0.22 -7.86
C9 3GK H . 13.86 -1.02 -7.26
C13 3GK H . 15.79 0.48 -9.07
C17 3GK H . 17.44 3.81 -10.15
C18 3GK H . 18.51 3.29 -10.89
C22 3GK H . 15.90 4.99 -9.12
C24 3GK H . 19.78 1.34 -11.80
F27 3GK H . 20.83 2.14 -11.83
F25 3GK H . 19.36 1.11 -13.04
F26 3GK H . 20.23 0.14 -11.35
C19 3GK H . 18.66 1.91 -11.00
N23 3GK H . 17.02 5.09 -9.87
N21 3GK H . 15.59 3.69 -8.91
C16 3GK H . 16.51 2.95 -9.54
C20 3GK H . 17.76 1.04 -10.39
C15 3GK H . 16.70 1.55 -9.66
O14 3GK H . 16.08 -0.71 -9.16
N12 3GK H . 14.68 0.96 -8.46
C10 3GK H . 12.82 -1.73 -6.70
C11 3GK H . 11.53 -1.21 -6.74
C3 3GK H . 9.91 0.56 -7.36
N2 3GK H . 9.61 1.84 -7.51
N4 3GK H . 8.82 -0.20 -7.27
N5 3GK H . 7.81 0.67 -7.36
N1 3GK I . 19.35 5.32 -7.41
C6 3GK I . 17.43 2.69 -5.99
C7 3GK I . 16.10 3.08 -5.85
C8 3GK I . 15.17 2.25 -5.23
C9 3GK I . 15.59 1.01 -4.77
C13 3GK I . 12.84 2.15 -4.36
C17 3GK I . 9.03 2.67 -4.03
C18 3GK I . 8.95 3.98 -4.52
C22 3GK I . 8.79 0.64 -3.22
C24 3GK I . 9.89 6.06 -5.45
F27 3GK I . 11.03 6.65 -5.67
F25 3GK I . 9.14 6.07 -6.54
F26 3GK I . 9.20 6.84 -4.56
C19 3GK I . 10.08 4.66 -4.94
N23 3GK I . 8.11 1.76 -3.55
N21 3GK I . 10.11 0.82 -3.47
C16 3GK I . 10.30 2.04 -3.97
C20 3GK I . 11.35 4.05 -4.88
C15 3GK I . 11.44 2.76 -4.41
O14 3GK I . 13.01 1.18 -3.63
N12 3GK I . 13.82 2.69 -5.12
C10 3GK I . 16.90 0.61 -4.90
C11 3GK I . 17.83 1.44 -5.52
C3 3GK I . 18.40 3.58 -6.65
N2 3GK I . 18.29 4.90 -6.72
N4 3GK I . 19.49 3.16 -7.28
N5 3GK I . 20.08 4.27 -7.75
S SO4 J . 7.82 -10.59 -33.28
O1 SO4 J . 6.51 -10.19 -33.82
O2 SO4 J . 8.35 -9.50 -32.75
O3 SO4 J . 7.76 -11.60 -32.17
O4 SO4 J . 8.70 -11.14 -34.31
S SO4 K . 7.99 -13.95 4.19
O1 SO4 K . 7.71 -12.45 4.13
O2 SO4 K . 8.82 -14.27 5.38
O3 SO4 K . 6.77 -14.74 4.24
O4 SO4 K . 8.73 -14.46 3.00
S SO4 L . 6.44 11.55 -4.53
O1 SO4 L . 5.27 12.26 -5.16
O2 SO4 L . 7.25 12.62 -3.93
O3 SO4 L . 6.05 10.68 -3.44
O4 SO4 L . 7.20 10.70 -5.51
#